data_2GPC
#
_entry.id   2GPC
#
_cell.length_a   109.626
_cell.length_b   38.985
_cell.length_c   91.073
_cell.angle_alpha   90.00
_cell.angle_beta   105.85
_cell.angle_gamma   90.00
#
_symmetry.space_group_name_H-M   'C 1 2 1'
#
loop_
_entity.id
_entity.type
_entity.pdbx_description
1 polymer 'iron superoxide dismutase'
2 non-polymer 'FE (II) ION'
3 non-polymer 'MAGNESIUM ION'
4 water water
#
_entity_poly.entity_id   1
_entity_poly.type   'polypeptide(L)'
_entity_poly.pdbx_seq_one_letter_code
;MFSIPPLPWGYDGLAAKGLSKQQVTLHYDKHHQGYVTKLNAAAQTNSALATKSIEEIIRTEKGPIFNLAAQIFNHTFYWE
SM(OCS)PNGGGEPTGKVADEINASFGSFAKFKEEFTNVAVGHFGSGWAWLVKDTNSGKLKVYQTHDAGCPLTEPNLKPL
LTCDVWEHAYYVDYKNDRAAYVQTFWNVVNWKNVERQL
;
_entity_poly.pdbx_strand_id   A,B
#
loop_
_chem_comp.id
_chem_comp.type
_chem_comp.name
_chem_comp.formula
FE2 non-polymer 'FE (II) ION' 'Fe 2'
MG non-polymer 'MAGNESIUM ION' 'Mg 2'
#
# COMPACT_ATOMS: atom_id res chain seq x y z
N MET A 1 -11.33 27.37 2.75
CA MET A 1 -10.86 25.99 3.09
C MET A 1 -10.54 25.15 1.85
N PHE A 2 -9.76 24.09 2.03
CA PHE A 2 -9.35 23.27 0.89
C PHE A 2 -10.52 22.49 0.31
N SER A 3 -10.58 22.46 -1.00
CA SER A 3 -11.51 21.59 -1.72
C SER A 3 -10.82 21.00 -2.93
N ILE A 4 -11.47 20.03 -3.56
CA ILE A 4 -10.97 19.44 -4.80
C ILE A 4 -12.02 19.56 -5.89
N PRO A 5 -11.56 19.67 -7.14
CA PRO A 5 -12.48 19.74 -8.28
C PRO A 5 -13.26 18.42 -8.42
N PRO A 6 -14.45 18.46 -9.02
CA PRO A 6 -15.19 17.24 -9.31
C PRO A 6 -14.41 16.36 -10.29
N LEU A 7 -14.72 15.07 -10.29
CA LEU A 7 -14.25 14.17 -11.36
C LEU A 7 -14.53 14.84 -12.70
N PRO A 8 -13.55 14.85 -13.62
CA PRO A 8 -13.79 15.49 -14.92
C PRO A 8 -14.89 14.81 -15.73
N TRP A 9 -15.12 13.52 -15.50
CA TRP A 9 -16.01 12.71 -16.34
C TRP A 9 -17.13 12.00 -15.55
N GLY A 10 -17.30 12.37 -14.28
CA GLY A 10 -18.36 11.83 -13.46
C GLY A 10 -18.05 10.46 -12.90
N TYR A 11 -18.77 10.07 -11.85
CA TYR A 11 -18.52 8.81 -11.16
C TYR A 11 -18.54 7.56 -12.06
N ASP A 12 -19.46 7.50 -13.02
CA ASP A 12 -19.56 6.35 -13.93
C ASP A 12 -18.91 6.53 -15.31
N GLY A 13 -18.15 7.60 -15.47
CA GLY A 13 -17.59 7.97 -16.76
C GLY A 13 -16.62 6.97 -17.40
N LEU A 14 -15.92 6.20 -16.57
CA LEU A 14 -14.96 5.18 -17.03
C LEU A 14 -15.46 3.73 -16.95
N ALA A 15 -16.71 3.54 -16.51
CA ALA A 15 -17.30 2.20 -16.34
C ALA A 15 -17.23 1.32 -17.59
N ALA A 16 -17.63 1.88 -18.73
CA ALA A 16 -17.62 1.15 -20.01
C ALA A 16 -16.20 0.78 -20.45
N LYS A 17 -15.19 1.47 -19.92
CA LYS A 17 -13.80 1.16 -20.24
C LYS A 17 -13.05 0.48 -19.08
N GLY A 18 -13.76 0.02 -18.05
CA GLY A 18 -13.21 -0.89 -17.05
C GLY A 18 -12.76 -0.31 -15.70
N LEU A 19 -13.30 0.85 -15.33
CA LEU A 19 -13.21 1.38 -13.97
C LEU A 19 -14.60 1.77 -13.55
N SER A 20 -15.20 0.97 -12.67
CA SER A 20 -16.63 1.00 -12.38
C SER A 20 -17.02 2.21 -11.56
N LYS A 21 -18.31 2.56 -11.63
CA LYS A 21 -18.85 3.59 -10.75
C LYS A 21 -18.46 3.35 -9.30
N GLN A 22 -18.55 2.10 -8.84
CA GLN A 22 -18.27 1.78 -7.45
C GLN A 22 -16.77 1.96 -7.11
N GLN A 23 -15.88 1.47 -7.98
CA GLN A 23 -14.43 1.64 -7.78
C GLN A 23 -14.05 3.12 -7.71
N VAL A 24 -14.61 3.90 -8.65
CA VAL A 24 -14.32 5.31 -8.74
C VAL A 24 -14.92 6.05 -7.55
N THR A 25 -16.14 5.70 -7.17
CA THR A 25 -16.85 6.37 -6.06
C THR A 25 -16.12 6.21 -4.73
N LEU A 26 -15.73 5.00 -4.40
CA LEU A 26 -14.96 4.76 -3.18
C LEU A 26 -13.64 5.53 -3.24
N HIS A 27 -12.95 5.43 -4.37
CA HIS A 27 -11.65 6.07 -4.51
C HIS A 27 -11.76 7.61 -4.34
N TYR A 28 -12.79 8.23 -4.92
CA TYR A 28 -12.97 9.68 -4.86
C TYR A 28 -13.61 10.14 -3.55
N ASP A 29 -14.74 9.56 -3.19
CA ASP A 29 -15.50 10.02 -2.01
C ASP A 29 -14.83 9.64 -0.69
N LYS A 30 -14.25 8.44 -0.62
CA LYS A 30 -13.61 8.00 0.62
C LYS A 30 -12.14 8.41 0.70
N HIS A 31 -11.34 7.99 -0.26
CA HIS A 31 -9.90 8.26 -0.20
C HIS A 31 -9.59 9.71 -0.52
N HIS A 32 -9.98 10.21 -1.68
CA HIS A 32 -9.57 11.54 -2.11
C HIS A 32 -10.19 12.63 -1.22
N GLN A 33 -11.50 12.56 -1.00
CA GLN A 33 -12.15 13.55 -0.15
C GLN A 33 -11.73 13.42 1.30
N GLY A 34 -11.39 12.20 1.71
CA GLY A 34 -10.92 11.94 3.06
C GLY A 34 -9.63 12.69 3.34
N TYR A 35 -8.73 12.74 2.36
CA TYR A 35 -7.50 13.52 2.49
C TYR A 35 -7.82 15.00 2.65
N VAL A 36 -8.81 15.49 1.90
CA VAL A 36 -9.22 16.88 1.99
C VAL A 36 -9.78 17.19 3.39
N THR A 37 -10.65 16.31 3.90
CA THR A 37 -11.22 16.45 5.23
C THR A 37 -10.11 16.50 6.30
N LYS A 38 -9.17 15.58 6.21
CA LYS A 38 -8.06 15.49 7.17
C LYS A 38 -7.15 16.71 7.11
N LEU A 39 -6.91 17.26 5.92
CA LEU A 39 -6.07 18.45 5.79
C LEU A 39 -6.74 19.70 6.37
N ASN A 40 -8.05 19.83 6.14
CA ASN A 40 -8.86 20.89 6.72
C ASN A 40 -8.86 20.83 8.27
N ALA A 41 -8.95 19.63 8.83
CA ALA A 41 -8.84 19.47 10.26
C ALA A 41 -7.44 19.90 10.72
N ALA A 42 -6.41 19.48 10.00
CA ALA A 42 -5.05 19.83 10.37
C ALA A 42 -4.79 21.34 10.31
N ALA A 43 -5.44 22.04 9.39
CA ALA A 43 -5.29 23.49 9.29
C ALA A 43 -5.95 24.23 10.46
N GLN A 44 -6.97 23.62 11.07
CA GLN A 44 -7.59 24.26 12.25
C GLN A 44 -6.61 24.30 13.43
N THR A 45 -5.74 23.30 13.53
CA THR A 45 -4.78 23.19 14.63
C THR A 45 -3.33 23.42 14.20
N ASN A 46 -3.14 23.92 12.98
CA ASN A 46 -1.83 24.37 12.50
C ASN A 46 -2.08 25.59 11.61
N SER A 47 -2.20 26.75 12.25
CA SER A 47 -2.57 28.02 11.62
C SER A 47 -1.70 28.43 10.43
N ALA A 48 -0.42 28.06 10.46
CA ALA A 48 0.50 28.31 9.34
C ALA A 48 -0.06 27.77 8.00
N LEU A 49 -0.72 26.61 8.06
CA LEU A 49 -1.25 25.94 6.87
C LEU A 49 -2.43 26.64 6.19
N ALA A 50 -3.23 27.39 6.94
CA ALA A 50 -4.45 28.00 6.39
C ALA A 50 -4.20 28.96 5.22
N THR A 51 -2.99 29.51 5.15
CA THR A 51 -2.58 30.45 4.08
C THR A 51 -1.72 29.82 2.97
N LYS A 52 -1.35 28.55 3.12
CA LYS A 52 -0.58 27.85 2.09
C LYS A 52 -1.51 27.15 1.11
N SER A 53 -1.13 27.13 -0.16
CA SER A 53 -1.83 26.33 -1.17
C SER A 53 -1.39 24.87 -1.03
N ILE A 54 -2.08 23.97 -1.73
CA ILE A 54 -1.69 22.57 -1.76
C ILE A 54 -0.25 22.45 -2.23
N GLU A 55 0.09 23.15 -3.30
CA GLU A 55 1.44 23.07 -3.86
C GLU A 55 2.49 23.63 -2.90
N GLU A 56 2.15 24.70 -2.19
CA GLU A 56 3.07 25.32 -1.24
CA GLU A 56 3.09 25.31 -1.24
C GLU A 56 3.37 24.34 -0.11
N ILE A 57 2.34 23.64 0.34
CA ILE A 57 2.49 22.63 1.37
C ILE A 57 3.40 21.47 0.92
N ILE A 58 3.20 21.01 -0.30
CA ILE A 58 3.99 19.90 -0.83
C ILE A 58 5.49 20.29 -0.88
N ARG A 59 5.77 21.54 -1.20
CA ARG A 59 7.14 22.03 -1.38
C ARG A 59 7.87 22.34 -0.07
N THR A 60 7.12 22.68 0.99
CA THR A 60 7.71 23.22 2.22
C THR A 60 7.46 22.42 3.49
N GLU A 61 6.54 21.45 3.47
CA GLU A 61 6.22 20.69 4.66
C GLU A 61 6.61 19.22 4.48
N LYS A 62 6.61 18.48 5.59
CA LYS A 62 7.00 17.07 5.60
C LYS A 62 6.12 16.24 6.56
N GLY A 63 6.33 14.93 6.56
CA GLY A 63 5.58 14.03 7.42
C GLY A 63 4.10 13.94 7.05
N PRO A 64 3.24 13.63 8.02
CA PRO A 64 1.80 13.48 7.76
C PRO A 64 1.11 14.63 7.01
N ILE A 65 1.47 15.87 7.29
CA ILE A 65 0.88 17.01 6.58
C ILE A 65 1.23 17.00 5.09
N PHE A 66 2.49 16.72 4.77
CA PHE A 66 2.92 16.54 3.38
C PHE A 66 2.07 15.45 2.72
N ASN A 67 1.93 14.29 3.38
CA ASN A 67 1.21 13.17 2.80
C ASN A 67 -0.22 13.52 2.37
N LEU A 68 -0.91 14.32 3.19
CA LEU A 68 -2.27 14.73 2.88
C LEU A 68 -2.32 15.62 1.66
N ALA A 69 -1.51 16.69 1.64
CA ALA A 69 -1.50 17.62 0.51
C ALA A 69 -1.04 16.93 -0.78
N ALA A 70 -0.02 16.11 -0.68
CA ALA A 70 0.51 15.40 -1.84
C ALA A 70 -0.50 14.41 -2.41
N GLN A 71 -1.21 13.72 -1.54
CA GLN A 71 -2.21 12.76 -2.00
C GLN A 71 -3.36 13.48 -2.69
N ILE A 72 -3.70 14.67 -2.21
CA ILE A 72 -4.72 15.49 -2.85
C ILE A 72 -4.29 15.91 -4.26
N PHE A 73 -3.07 16.42 -4.40
CA PHE A 73 -2.53 16.79 -5.71
C PHE A 73 -2.44 15.56 -6.64
N ASN A 74 -1.89 14.45 -6.14
CA ASN A 74 -1.66 13.27 -6.98
C ASN A 74 -2.99 12.69 -7.50
N HIS A 75 -4.02 12.69 -6.66
CA HIS A 75 -5.32 12.12 -7.05
C HIS A 75 -5.98 12.99 -8.11
N THR A 76 -5.95 14.31 -7.93
CA THR A 76 -6.51 15.21 -8.92
C THR A 76 -5.79 15.04 -10.27
N PHE A 77 -4.47 14.93 -10.24
CA PHE A 77 -3.69 14.72 -11.45
C PHE A 77 -3.99 13.38 -12.11
N TYR A 78 -4.32 12.40 -11.28
CA TYR A 78 -4.69 11.05 -11.72
C TYR A 78 -6.02 11.04 -12.49
N TRP A 79 -7.05 11.71 -11.96
CA TRP A 79 -8.33 11.80 -12.66
C TRP A 79 -8.19 12.57 -13.98
N GLU A 80 -7.37 13.61 -13.98
CA GLU A 80 -7.11 14.41 -15.17
C GLU A 80 -6.29 13.64 -16.21
N SER A 81 -5.59 12.59 -15.77
CA SER A 81 -4.79 11.71 -16.63
C SER A 81 -5.62 10.63 -17.34
N MET A 82 -6.91 10.58 -17.03
CA MET A 82 -7.81 9.58 -17.61
C MET A 82 -9.00 10.27 -18.27
N OCS A 83 -9.59 9.59 -19.25
CA OCS A 83 -10.70 10.14 -20.04
CB OCS A 83 -10.15 11.14 -21.07
SG OCS A 83 -11.31 12.37 -21.66
C OCS A 83 -11.41 9.01 -20.76
O OCS A 83 -10.75 8.15 -21.34
OD1 OCS A 83 -12.28 11.75 -22.49
OD2 OCS A 83 -10.60 13.37 -22.38
OD3 OCS A 83 -11.97 12.91 -20.52
N PRO A 84 -12.74 8.98 -20.75
CA PRO A 84 -13.47 7.94 -21.49
C PRO A 84 -13.16 7.89 -22.99
N ASN A 85 -12.78 9.01 -23.59
CA ASN A 85 -12.43 9.07 -25.01
C ASN A 85 -10.90 9.07 -25.29
N GLY A 86 -10.13 8.61 -24.32
CA GLY A 86 -8.68 8.58 -24.42
C GLY A 86 -8.23 7.20 -24.86
N GLY A 87 -7.00 6.84 -24.51
CA GLY A 87 -6.41 5.58 -24.90
C GLY A 87 -5.68 5.67 -26.23
N GLY A 88 -5.21 4.53 -26.71
CA GLY A 88 -4.47 4.47 -27.96
C GLY A 88 -3.14 5.18 -27.86
N GLU A 89 -2.60 5.58 -29.00
CA GLU A 89 -1.29 6.24 -29.07
C GLU A 89 -1.48 7.73 -29.22
N PRO A 90 -0.57 8.53 -28.67
CA PRO A 90 -0.63 9.98 -28.88
C PRO A 90 -0.20 10.33 -30.30
N THR A 91 -0.61 11.51 -30.77
CA THR A 91 -0.12 12.09 -32.02
C THR A 91 0.58 13.42 -31.70
N GLY A 92 1.08 14.10 -32.72
CA GLY A 92 1.57 15.45 -32.58
C GLY A 92 2.80 15.57 -31.68
N LYS A 93 2.84 16.63 -30.89
CA LYS A 93 4.00 16.96 -30.07
C LYS A 93 4.29 15.94 -28.98
N VAL A 94 3.24 15.40 -28.38
CA VAL A 94 3.39 14.35 -27.37
C VAL A 94 4.08 13.11 -27.99
N ALA A 95 3.61 12.68 -29.16
CA ALA A 95 4.22 11.58 -29.88
C ALA A 95 5.69 11.90 -30.16
N ASP A 96 5.96 13.10 -30.67
CA ASP A 96 7.33 13.51 -31.02
C ASP A 96 8.25 13.40 -29.82
N GLU A 97 7.81 13.92 -28.68
CA GLU A 97 8.64 13.99 -27.48
C GLU A 97 8.85 12.58 -26.89
N ILE A 98 7.81 11.74 -26.94
CA ILE A 98 7.94 10.36 -26.49
C ILE A 98 8.94 9.58 -27.36
N ASN A 99 8.82 9.73 -28.67
CA ASN A 99 9.71 9.05 -29.61
C ASN A 99 11.17 9.50 -29.41
N ALA A 100 11.38 10.80 -29.18
CA ALA A 100 12.71 11.36 -28.99
C ALA A 100 13.39 10.90 -27.70
N SER A 101 12.61 10.66 -26.65
CA SER A 101 13.14 10.31 -25.35
C SER A 101 13.24 8.80 -25.13
N PHE A 102 12.32 8.05 -25.74
CA PHE A 102 12.20 6.59 -25.49
C PHE A 102 12.49 5.73 -26.72
N GLY A 103 12.57 6.35 -27.89
CA GLY A 103 12.78 5.66 -29.15
C GLY A 103 11.47 5.45 -29.89
N SER A 104 10.49 4.87 -29.19
CA SER A 104 9.14 4.69 -29.72
C SER A 104 8.10 4.68 -28.60
N PHE A 105 6.84 4.78 -28.98
CA PHE A 105 5.74 4.59 -28.06
C PHE A 105 5.80 3.21 -27.38
N ALA A 106 6.11 2.17 -28.14
CA ALA A 106 6.10 0.80 -27.62
C ALA A 106 7.14 0.65 -26.51
N LYS A 107 8.29 1.28 -26.69
CA LYS A 107 9.35 1.22 -25.68
C LYS A 107 8.99 2.02 -24.41
N PHE A 108 8.40 3.20 -24.60
CA PHE A 108 7.87 3.98 -23.49
C PHE A 108 6.84 3.17 -22.72
N LYS A 109 5.90 2.57 -23.45
CA LYS A 109 4.79 1.86 -22.83
C LYS A 109 5.29 0.67 -22.02
N GLU A 110 6.27 -0.06 -22.55
CA GLU A 110 6.87 -1.16 -21.84
C GLU A 110 7.53 -0.68 -20.53
N GLU A 111 8.26 0.43 -20.58
CA GLU A 111 8.96 0.93 -19.41
C GLU A 111 7.98 1.40 -18.33
N PHE A 112 6.95 2.14 -18.72
CA PHE A 112 5.94 2.64 -17.78
C PHE A 112 5.16 1.47 -17.17
N THR A 113 4.72 0.54 -18.01
CA THR A 113 4.00 -0.67 -17.56
C THR A 113 4.79 -1.43 -16.51
N ASN A 114 6.04 -1.73 -16.79
CA ASN A 114 6.85 -2.52 -15.88
C ASN A 114 7.10 -1.80 -14.54
N VAL A 115 7.31 -0.50 -14.59
CA VAL A 115 7.39 0.31 -13.37
C VAL A 115 6.05 0.29 -12.58
N ALA A 116 4.95 0.52 -13.27
CA ALA A 116 3.63 0.56 -12.64
C ALA A 116 3.24 -0.78 -12.02
N VAL A 117 3.50 -1.87 -12.73
CA VAL A 117 3.13 -3.20 -12.26
C VAL A 117 4.13 -3.72 -11.22
N GLY A 118 5.38 -3.33 -11.34
CA GLY A 118 6.43 -3.81 -10.45
C GLY A 118 6.61 -3.01 -9.16
N HIS A 119 5.93 -1.88 -9.00
CA HIS A 119 6.17 -1.03 -7.84
C HIS A 119 5.71 -1.77 -6.59
N PHE A 120 6.60 -1.91 -5.62
CA PHE A 120 6.30 -2.71 -4.44
C PHE A 120 5.67 -1.83 -3.38
N GLY A 121 4.53 -2.24 -2.86
CA GLY A 121 3.77 -1.44 -1.91
C GLY A 121 2.96 -0.36 -2.60
N SER A 122 2.60 0.66 -1.84
CA SER A 122 1.74 1.76 -2.28
C SER A 122 2.57 2.78 -3.05
N GLY A 123 2.05 3.26 -4.16
CA GLY A 123 2.77 4.23 -4.95
C GLY A 123 2.08 4.74 -6.20
N TRP A 124 2.88 5.34 -7.07
CA TRP A 124 2.43 6.14 -8.22
C TRP A 124 3.45 5.97 -9.34
N ALA A 125 2.97 5.70 -10.54
CA ALA A 125 3.83 5.63 -11.72
C ALA A 125 3.61 6.94 -12.49
N TRP A 126 4.71 7.57 -12.91
CA TRP A 126 4.66 8.87 -13.62
C TRP A 126 5.37 8.85 -14.95
N LEU A 127 4.86 9.66 -15.87
CA LEU A 127 5.63 10.21 -16.97
C LEU A 127 5.90 11.66 -16.59
N VAL A 128 7.16 12.07 -16.69
CA VAL A 128 7.56 13.45 -16.40
C VAL A 128 8.44 13.98 -17.53
N LYS A 129 8.55 15.29 -17.61
CA LYS A 129 9.54 15.95 -18.45
C LYS A 129 10.56 16.55 -17.51
N ASP A 130 11.82 16.13 -17.64
CA ASP A 130 12.92 16.70 -16.87
C ASP A 130 13.38 17.98 -17.55
N THR A 131 13.00 19.14 -17.00
CA THR A 131 13.33 20.43 -17.61
C THR A 131 14.81 20.80 -17.49
N ASN A 132 15.60 20.05 -16.74
CA ASN A 132 17.06 20.19 -16.81
C ASN A 132 17.62 19.86 -18.19
N SER A 133 16.98 18.93 -18.91
CA SER A 133 17.46 18.43 -20.21
C SER A 133 16.43 18.52 -21.36
N GLY A 134 15.14 18.63 -21.05
CA GLY A 134 14.08 18.48 -22.03
C GLY A 134 13.61 17.04 -22.24
N LYS A 135 14.29 16.07 -21.63
CA LYS A 135 14.02 14.64 -21.91
C LYS A 135 12.85 14.14 -21.06
N LEU A 136 11.99 13.33 -21.67
CA LEU A 136 10.92 12.66 -20.95
C LEU A 136 11.50 11.44 -20.20
N LYS A 137 10.93 11.15 -19.03
CA LYS A 137 11.36 10.02 -18.20
C LYS A 137 10.18 9.36 -17.50
N VAL A 138 10.27 8.04 -17.34
CA VAL A 138 9.35 7.30 -16.49
C VAL A 138 9.95 7.35 -15.10
N TYR A 139 9.09 7.55 -14.12
CA TYR A 139 9.48 7.90 -12.76
C TYR A 139 8.42 7.32 -11.83
N GLN A 140 8.82 6.80 -10.68
CA GLN A 140 7.85 6.32 -9.70
C GLN A 140 8.03 7.04 -8.37
N THR A 141 6.94 7.22 -7.66
CA THR A 141 7.03 7.70 -6.28
C THR A 141 6.39 6.66 -5.36
N HIS A 142 6.85 6.67 -4.11
CA HIS A 142 6.39 5.73 -3.13
C HIS A 142 5.47 6.46 -2.16
N ASP A 143 4.41 5.78 -1.75
CA ASP A 143 3.41 6.31 -0.82
C ASP A 143 2.78 7.59 -1.38
N ALA A 144 3.03 8.74 -0.74
CA ALA A 144 2.47 10.02 -1.19
C ALA A 144 3.50 10.85 -1.94
N GLY A 145 4.66 10.26 -2.23
CA GLY A 145 5.69 10.90 -3.02
C GLY A 145 5.10 11.64 -4.20
N CYS A 146 5.61 12.84 -4.41
CA CYS A 146 5.10 13.76 -5.41
C CYS A 146 6.26 14.39 -6.18
N PRO A 147 6.22 14.39 -7.52
CA PRO A 147 7.29 14.98 -8.33
C PRO A 147 7.56 16.45 -8.02
N LEU A 148 6.58 17.21 -7.51
CA LEU A 148 6.79 18.61 -7.13
C LEU A 148 7.95 18.84 -6.12
N THR A 149 8.36 17.83 -5.37
CA THR A 149 9.52 17.99 -4.47
C THR A 149 10.85 17.99 -5.24
N GLU A 150 10.80 17.57 -6.51
CA GLU A 150 11.93 17.63 -7.43
C GLU A 150 11.51 18.58 -8.56
N PRO A 151 11.70 19.88 -8.35
CA PRO A 151 11.05 20.92 -9.18
C PRO A 151 11.41 20.92 -10.67
N ASN A 152 12.51 20.26 -11.05
CA ASN A 152 12.84 20.03 -12.46
C ASN A 152 11.92 19.03 -13.19
N LEU A 153 11.20 18.20 -12.44
CA LEU A 153 10.41 17.11 -13.03
C LEU A 153 8.95 17.49 -13.22
N LYS A 154 8.62 18.09 -14.37
CA LYS A 154 7.24 18.48 -14.68
C LYS A 154 6.35 17.26 -14.91
N PRO A 155 5.29 17.12 -14.12
CA PRO A 155 4.42 15.95 -14.26
C PRO A 155 3.56 16.02 -15.53
N LEU A 156 3.50 14.90 -16.25
CA LEU A 156 2.69 14.80 -17.47
C LEU A 156 1.51 13.82 -17.33
N LEU A 157 1.73 12.73 -16.59
CA LEU A 157 0.77 11.64 -16.48
C LEU A 157 1.05 10.87 -15.20
N THR A 158 0.01 10.41 -14.51
CA THR A 158 0.20 9.47 -13.42
C THR A 158 -0.87 8.38 -13.39
N CYS A 159 -0.47 7.23 -12.84
CA CYS A 159 -1.33 6.10 -12.59
C CYS A 159 -1.14 5.67 -11.15
N ASP A 160 -2.19 5.80 -10.36
CA ASP A 160 -2.21 5.38 -8.97
C ASP A 160 -2.10 3.87 -8.91
N VAL A 161 -1.11 3.36 -8.18
CA VAL A 161 -1.00 1.91 -7.98
C VAL A 161 -1.10 1.50 -6.51
N TRP A 162 -1.61 2.41 -5.66
CA TRP A 162 -2.13 2.00 -4.36
C TRP A 162 -3.19 0.95 -4.64
N GLU A 163 -3.23 -0.10 -3.84
CA GLU A 163 -4.19 -1.19 -4.01
C GLU A 163 -5.64 -0.73 -4.03
N HIS A 164 -5.98 0.31 -3.26
CA HIS A 164 -7.33 0.86 -3.24
C HIS A 164 -7.78 1.43 -4.61
N ALA A 165 -6.83 1.77 -5.46
CA ALA A 165 -7.15 2.29 -6.79
C ALA A 165 -7.79 1.24 -7.71
N TYR A 166 -7.51 -0.04 -7.45
CA TYR A 166 -7.93 -1.11 -8.35
C TYR A 166 -8.53 -2.34 -7.68
N TYR A 167 -8.51 -2.44 -6.36
CA TYR A 167 -8.85 -3.72 -5.73
C TYR A 167 -10.33 -4.08 -5.91
N VAL A 168 -11.19 -3.06 -5.97
CA VAL A 168 -12.61 -3.26 -6.12
C VAL A 168 -12.92 -3.98 -7.44
N ASP A 169 -12.29 -3.55 -8.52
CA ASP A 169 -12.59 -4.10 -9.84
C ASP A 169 -11.67 -5.25 -10.24
N TYR A 170 -10.42 -5.20 -9.78
CA TYR A 170 -9.35 -6.07 -10.29
C TYR A 170 -8.77 -6.99 -9.24
N LYS A 171 -9.17 -6.80 -7.98
CA LYS A 171 -8.56 -7.50 -6.84
C LYS A 171 -7.03 -7.39 -6.97
N ASN A 172 -6.32 -8.51 -6.88
CA ASN A 172 -4.85 -8.53 -6.91
C ASN A 172 -4.22 -8.25 -8.28
N ASP A 173 -5.04 -8.23 -9.35
CA ASP A 173 -4.53 -8.20 -10.71
C ASP A 173 -4.22 -6.78 -11.16
N ARG A 174 -3.13 -6.24 -10.65
CA ARG A 174 -2.68 -4.90 -11.02
C ARG A 174 -2.28 -4.82 -12.48
N ALA A 175 -1.73 -5.91 -13.03
CA ALA A 175 -1.39 -5.93 -14.46
C ALA A 175 -2.62 -5.64 -15.34
N ALA A 176 -3.76 -6.23 -15.00
CA ALA A 176 -4.98 -6.01 -15.77
C ALA A 176 -5.49 -4.58 -15.61
N TYR A 177 -5.31 -4.03 -14.42
CA TYR A 177 -5.69 -2.65 -14.14
C TYR A 177 -4.86 -1.68 -14.97
N VAL A 178 -3.56 -1.95 -15.09
CA VAL A 178 -2.67 -1.10 -15.87
C VAL A 178 -3.00 -1.19 -17.36
N GLN A 179 -3.36 -2.37 -17.85
CA GLN A 179 -3.82 -2.50 -19.23
C GLN A 179 -5.05 -1.61 -19.47
N THR A 180 -5.95 -1.57 -18.49
CA THR A 180 -7.12 -0.69 -18.54
C THR A 180 -6.72 0.79 -18.53
N PHE A 181 -5.73 1.14 -17.71
CA PHE A 181 -5.25 2.52 -17.66
C PHE A 181 -4.84 2.96 -19.06
N TRP A 182 -4.17 2.08 -19.81
CA TRP A 182 -3.73 2.43 -21.15
C TRP A 182 -4.92 2.73 -22.06
N ASN A 183 -6.04 2.08 -21.83
CA ASN A 183 -7.24 2.30 -22.63
C ASN A 183 -7.94 3.62 -22.30
N VAL A 184 -7.53 4.29 -21.22
CA VAL A 184 -8.15 5.56 -20.83
C VAL A 184 -7.18 6.75 -20.68
N VAL A 185 -5.91 6.59 -21.06
CA VAL A 185 -4.94 7.68 -20.93
C VAL A 185 -5.42 8.92 -21.69
N ASN A 186 -5.39 10.06 -21.02
CA ASN A 186 -5.82 11.32 -21.58
C ASN A 186 -4.62 12.05 -22.20
N TRP A 187 -4.32 11.72 -23.45
CA TRP A 187 -3.19 12.37 -24.15
C TRP A 187 -3.39 13.88 -24.30
N LYS A 188 -4.65 14.33 -24.34
CA LYS A 188 -4.94 15.77 -24.39
C LYS A 188 -4.37 16.47 -23.15
N ASN A 189 -4.57 15.86 -21.97
CA ASN A 189 -4.01 16.42 -20.75
C ASN A 189 -2.49 16.40 -20.73
N VAL A 190 -1.89 15.32 -21.20
CA VAL A 190 -0.45 15.22 -21.30
C VAL A 190 0.11 16.37 -22.16
N GLU A 191 -0.52 16.61 -23.30
CA GLU A 191 -0.10 17.69 -24.19
C GLU A 191 -0.15 19.06 -23.50
N ARG A 192 -1.19 19.29 -22.71
CA ARG A 192 -1.35 20.53 -21.93
C ARG A 192 -0.24 20.76 -20.90
N GLN A 193 0.34 19.68 -20.38
CA GLN A 193 1.41 19.77 -19.38
C GLN A 193 2.82 19.96 -19.95
N LEU A 194 3.00 19.74 -21.25
CA LEU A 194 4.32 19.82 -21.87
C LEU A 194 5.01 21.16 -21.66
N MET B 1 11.51 -27.27 -2.84
CA MET B 1 11.15 -25.86 -3.10
C MET B 1 10.48 -25.23 -1.89
N PHE B 2 10.48 -23.89 -1.84
CA PHE B 2 9.77 -23.15 -0.79
C PHE B 2 8.28 -23.43 -0.84
N SER B 3 7.69 -23.56 0.35
CA SER B 3 6.24 -23.70 0.51
C SER B 3 5.78 -22.93 1.76
N ILE B 4 4.47 -22.82 1.92
CA ILE B 4 3.88 -22.26 3.12
C ILE B 4 2.87 -23.25 3.72
N PRO B 5 2.76 -23.29 5.04
CA PRO B 5 1.72 -24.10 5.68
C PRO B 5 0.32 -23.61 5.29
N PRO B 6 -0.66 -24.51 5.27
CA PRO B 6 -2.05 -24.10 5.10
C PRO B 6 -2.49 -23.12 6.19
N LEU B 7 -3.58 -22.40 5.91
CA LEU B 7 -4.26 -21.63 6.93
C LEU B 7 -4.57 -22.57 8.09
N PRO B 8 -4.29 -22.17 9.33
CA PRO B 8 -4.54 -23.05 10.47
C PRO B 8 -6.02 -23.41 10.68
N TRP B 9 -6.94 -22.56 10.19
CA TRP B 9 -8.37 -22.68 10.51
C TRP B 9 -9.27 -22.71 9.26
N GLY B 10 -8.67 -22.88 8.07
CA GLY B 10 -9.43 -23.01 6.84
C GLY B 10 -9.78 -21.68 6.18
N TYR B 11 -10.13 -21.71 4.90
CA TYR B 11 -10.47 -20.50 4.15
C TYR B 11 -11.65 -19.72 4.74
N ASP B 12 -12.62 -20.42 5.32
CA ASP B 12 -13.82 -19.79 5.89
C ASP B 12 -13.79 -19.73 7.43
N GLY B 13 -12.64 -20.06 8.02
CA GLY B 13 -12.52 -20.14 9.47
C GLY B 13 -12.84 -18.87 10.24
N LEU B 14 -12.57 -17.71 9.66
CA LEU B 14 -12.78 -16.43 10.34
C LEU B 14 -14.04 -15.69 9.87
N ALA B 15 -14.84 -16.32 9.02
CA ALA B 15 -15.99 -15.66 8.40
C ALA B 15 -17.01 -15.20 9.42
N ALA B 16 -17.33 -16.05 10.38
CA ALA B 16 -18.28 -15.73 11.45
C ALA B 16 -17.79 -14.55 12.30
N LYS B 17 -16.47 -14.39 12.39
CA LYS B 17 -15.89 -13.30 13.19
C LYS B 17 -15.43 -12.07 12.37
N GLY B 18 -15.73 -12.03 11.07
CA GLY B 18 -15.58 -10.83 10.25
C GLY B 18 -14.46 -10.79 9.21
N LEU B 19 -13.85 -11.93 8.89
CA LEU B 19 -12.94 -12.02 7.72
C LEU B 19 -13.43 -13.14 6.84
N SER B 20 -14.02 -12.76 5.70
CA SER B 20 -14.85 -13.66 4.91
C SER B 20 -14.01 -14.64 4.13
N LYS B 21 -14.65 -15.73 3.71
CA LYS B 21 -14.04 -16.70 2.82
C LYS B 21 -13.34 -16.02 1.65
N GLN B 22 -14.02 -15.07 1.00
CA GLN B 22 -13.45 -14.40 -0.16
C GLN B 22 -12.22 -13.58 0.21
N GLN B 23 -12.33 -12.76 1.25
CA GLN B 23 -11.22 -11.91 1.67
C GLN B 23 -9.98 -12.74 1.98
N VAL B 24 -10.16 -13.85 2.68
CA VAL B 24 -9.05 -14.68 3.13
C VAL B 24 -8.50 -15.50 1.97
N THR B 25 -9.38 -16.00 1.13
CA THR B 25 -8.99 -16.77 -0.04
C THR B 25 -8.12 -15.95 -0.98
N LEU B 26 -8.56 -14.74 -1.33
CA LEU B 26 -7.75 -13.86 -2.18
C LEU B 26 -6.38 -13.60 -1.55
N HIS B 27 -6.41 -13.27 -0.27
CA HIS B 27 -5.20 -12.89 0.45
C HIS B 27 -4.20 -14.05 0.51
N TYR B 28 -4.68 -15.27 0.76
CA TYR B 28 -3.81 -16.43 0.86
C TYR B 28 -3.40 -16.99 -0.53
N ASP B 29 -4.39 -17.23 -1.39
CA ASP B 29 -4.12 -17.87 -2.70
C ASP B 29 -3.41 -16.96 -3.70
N LYS B 30 -3.72 -15.66 -3.66
CA LYS B 30 -3.16 -14.74 -4.62
C LYS B 30 -1.90 -14.05 -4.06
N HIS B 31 -2.03 -13.33 -2.95
CA HIS B 31 -0.89 -12.57 -2.44
C HIS B 31 0.17 -13.46 -1.78
N HIS B 32 -0.22 -14.22 -0.76
CA HIS B 32 0.76 -14.99 0.02
C HIS B 32 1.44 -16.06 -0.84
N GLN B 33 0.64 -16.94 -1.43
CA GLN B 33 1.12 -17.96 -2.35
C GLN B 33 1.83 -17.35 -3.56
N GLY B 34 1.38 -16.17 -4.00
CA GLY B 34 2.06 -15.42 -5.05
C GLY B 34 3.51 -15.12 -4.74
N TYR B 35 3.78 -14.72 -3.50
CA TYR B 35 5.16 -14.46 -3.08
C TYR B 35 6.00 -15.73 -3.12
N VAL B 36 5.39 -16.87 -2.77
CA VAL B 36 6.08 -18.17 -2.77
C VAL B 36 6.45 -18.59 -4.20
N THR B 37 5.48 -18.44 -5.11
CA THR B 37 5.69 -18.69 -6.54
C THR B 37 6.82 -17.85 -7.11
N LYS B 38 6.87 -16.57 -6.73
CA LYS B 38 7.89 -15.63 -7.20
C LYS B 38 9.25 -16.01 -6.63
N LEU B 39 9.30 -16.41 -5.36
CA LEU B 39 10.56 -16.78 -4.71
C LEU B 39 11.15 -18.06 -5.33
N ASN B 40 10.30 -19.04 -5.59
CA ASN B 40 10.70 -20.25 -6.28
C ASN B 40 11.21 -19.96 -7.71
N ALA B 41 10.58 -19.02 -8.39
CA ALA B 41 11.06 -18.58 -9.70
C ALA B 41 12.47 -17.99 -9.58
N ALA B 42 12.68 -17.13 -8.59
CA ALA B 42 13.98 -16.52 -8.37
C ALA B 42 15.04 -17.58 -8.03
N ALA B 43 14.63 -18.62 -7.34
CA ALA B 43 15.54 -19.69 -6.89
C ALA B 43 16.04 -20.57 -8.05
N GLN B 44 15.25 -20.68 -9.12
CA GLN B 44 15.68 -21.41 -10.32
C GLN B 44 16.75 -20.61 -11.10
N THR B 45 16.68 -19.28 -10.99
CA THR B 45 17.65 -18.38 -11.60
C THR B 45 18.94 -18.27 -10.79
N ASN B 46 18.84 -18.51 -9.49
CA ASN B 46 19.94 -18.35 -8.56
C ASN B 46 19.88 -19.48 -7.54
N SER B 47 20.68 -20.53 -7.78
CA SER B 47 20.63 -21.75 -6.98
C SER B 47 21.10 -21.56 -5.53
N ALA B 48 21.91 -20.54 -5.27
CA ALA B 48 22.31 -20.20 -3.90
C ALA B 48 21.12 -19.86 -2.99
N LEU B 49 20.07 -19.25 -3.56
CA LEU B 49 18.84 -18.96 -2.83
C LEU B 49 18.12 -20.22 -2.38
N ALA B 50 18.10 -21.24 -3.24
CA ALA B 50 17.24 -22.41 -3.03
C ALA B 50 17.50 -23.19 -1.73
N THR B 51 18.72 -23.13 -1.21
CA THR B 51 19.06 -23.85 0.03
C THR B 51 18.90 -23.00 1.29
N LYS B 52 18.72 -21.70 1.14
CA LYS B 52 18.51 -20.78 2.27
C LYS B 52 17.09 -20.91 2.81
N SER B 53 16.93 -20.76 4.13
CA SER B 53 15.60 -20.71 4.73
C SER B 53 15.02 -19.32 4.52
N ILE B 54 13.71 -19.20 4.68
CA ILE B 54 13.03 -17.90 4.65
C ILE B 54 13.72 -16.92 5.60
N GLU B 55 13.96 -17.34 6.84
CA GLU B 55 14.55 -16.45 7.84
C GLU B 55 15.98 -16.04 7.47
N GLU B 56 16.74 -16.95 6.86
CA GLU B 56 18.10 -16.63 6.42
C GLU B 56 18.08 -15.54 5.34
N ILE B 57 17.17 -15.67 4.39
CA ILE B 57 17.01 -14.68 3.33
C ILE B 57 16.64 -13.32 3.93
N ILE B 58 15.72 -13.31 4.90
CA ILE B 58 15.30 -12.07 5.56
C ILE B 58 16.50 -11.37 6.21
N ARG B 59 17.39 -12.14 6.84
CA ARG B 59 18.54 -11.58 7.58
C ARG B 59 19.69 -11.09 6.69
N THR B 60 19.86 -11.67 5.50
CA THR B 60 21.06 -11.45 4.67
C THR B 60 20.86 -10.74 3.33
N GLU B 61 19.66 -10.86 2.72
CA GLU B 61 19.41 -10.29 1.38
C GLU B 61 18.69 -8.93 1.48
N LYS B 62 18.82 -8.14 0.41
CA LYS B 62 18.08 -6.88 0.27
C LYS B 62 17.36 -6.81 -1.07
N GLY B 63 16.51 -5.80 -1.24
CA GLY B 63 15.80 -5.59 -2.50
C GLY B 63 14.65 -6.56 -2.70
N PRO B 64 14.28 -6.80 -3.97
CA PRO B 64 13.09 -7.61 -4.30
C PRO B 64 13.06 -8.99 -3.65
N ILE B 65 14.20 -9.65 -3.53
CA ILE B 65 14.26 -11.01 -2.98
C ILE B 65 13.94 -10.99 -1.49
N PHE B 66 14.48 -10.00 -0.79
CA PHE B 66 14.11 -9.75 0.60
C PHE B 66 12.60 -9.57 0.75
N ASN B 67 12.01 -8.70 -0.08
CA ASN B 67 10.58 -8.43 -0.02
C ASN B 67 9.75 -9.72 -0.08
N LEU B 68 10.15 -10.67 -0.93
CA LEU B 68 9.43 -11.92 -1.10
C LEU B 68 9.48 -12.78 0.16
N ALA B 69 10.67 -12.97 0.72
CA ALA B 69 10.85 -13.84 1.88
C ALA B 69 10.21 -13.24 3.13
N ALA B 70 10.40 -11.93 3.30
CA ALA B 70 9.83 -11.19 4.43
C ALA B 70 8.31 -11.22 4.38
N GLN B 71 7.73 -11.00 3.21
CA GLN B 71 6.28 -11.13 3.05
C GLN B 71 5.79 -12.54 3.33
N ILE B 72 6.57 -13.54 2.93
CA ILE B 72 6.19 -14.94 3.18
C ILE B 72 6.10 -15.20 4.69
N PHE B 73 7.11 -14.76 5.43
CA PHE B 73 7.17 -14.90 6.89
C PHE B 73 6.08 -14.09 7.57
N ASN B 74 5.92 -12.84 7.14
CA ASN B 74 5.00 -11.91 7.78
C ASN B 74 3.57 -12.44 7.67
N HIS B 75 3.23 -12.97 6.49
CA HIS B 75 1.91 -13.54 6.26
C HIS B 75 1.66 -14.80 7.06
N THR B 76 2.63 -15.71 7.13
CA THR B 76 2.44 -16.90 7.98
C THR B 76 2.26 -16.48 9.44
N PHE B 77 3.07 -15.54 9.91
CA PHE B 77 2.92 -15.02 11.27
C PHE B 77 1.53 -14.40 11.51
N TYR B 78 1.02 -13.72 10.50
CA TYR B 78 -0.30 -13.09 10.52
C TYR B 78 -1.42 -14.12 10.67
N TRP B 79 -1.35 -15.20 9.90
CA TRP B 79 -2.37 -16.25 10.02
C TRP B 79 -2.30 -16.92 11.39
N GLU B 80 -1.09 -17.15 11.87
CA GLU B 80 -0.86 -17.73 13.21
C GLU B 80 -1.26 -16.78 14.34
N SER B 81 -1.35 -15.48 14.03
CA SER B 81 -1.76 -14.46 15.01
C SER B 81 -3.28 -14.37 15.19
N MET B 82 -4.02 -15.14 14.39
CA MET B 82 -5.48 -15.15 14.42
C MET B 82 -6.02 -16.55 14.65
N OCS B 83 -7.24 -16.62 15.16
CA OCS B 83 -7.89 -17.88 15.51
CB OCS B 83 -7.25 -18.42 16.78
SG OCS B 83 -7.50 -20.18 17.09
C OCS B 83 -9.39 -17.65 15.76
O OCS B 83 -9.75 -16.69 16.42
OD1 OCS B 83 -8.85 -20.35 17.41
OD2 OCS B 83 -6.66 -20.58 18.17
OD3 OCS B 83 -7.14 -20.93 15.93
N PRO B 84 -10.27 -18.51 15.24
CA PRO B 84 -11.71 -18.35 15.47
C PRO B 84 -12.13 -18.35 16.95
N ASN B 85 -11.37 -19.03 17.80
CA ASN B 85 -11.66 -19.09 19.23
C ASN B 85 -10.79 -18.15 20.07
N GLY B 86 -10.26 -17.11 19.42
CA GLY B 86 -9.41 -16.14 20.07
C GLY B 86 -10.19 -14.87 20.38
N GLY B 87 -9.49 -13.75 20.39
CA GLY B 87 -10.10 -12.48 20.67
C GLY B 87 -10.13 -12.20 22.15
N GLY B 88 -10.67 -11.05 22.50
CA GLY B 88 -10.77 -10.64 23.89
C GLY B 88 -9.43 -10.34 24.53
N GLU B 89 -9.39 -10.47 25.85
CA GLU B 89 -8.29 -10.04 26.68
C GLU B 89 -7.51 -11.28 27.10
N PRO B 90 -6.17 -11.26 26.99
CA PRO B 90 -5.37 -12.44 27.38
C PRO B 90 -5.38 -12.66 28.89
N THR B 91 -4.99 -13.86 29.31
CA THR B 91 -4.78 -14.18 30.72
C THR B 91 -3.37 -14.74 30.93
N GLY B 92 -3.07 -15.12 32.15
CA GLY B 92 -1.81 -15.78 32.47
C GLY B 92 -0.58 -14.95 32.12
N LYS B 93 0.43 -15.65 31.62
CA LYS B 93 1.76 -15.11 31.33
C LYS B 93 1.71 -13.89 30.41
N VAL B 94 0.94 -14.01 29.33
CA VAL B 94 0.87 -12.96 28.32
C VAL B 94 0.26 -11.70 28.92
N ALA B 95 -0.78 -11.86 29.73
CA ALA B 95 -1.39 -10.74 30.44
C ALA B 95 -0.38 -10.07 31.36
N ASP B 96 0.40 -10.84 32.10
CA ASP B 96 1.38 -10.30 33.04
C ASP B 96 2.44 -9.49 32.30
N GLU B 97 2.90 -10.00 31.16
CA GLU B 97 3.95 -9.32 30.42
C GLU B 97 3.41 -8.06 29.76
N ILE B 98 2.17 -8.11 29.28
CA ILE B 98 1.54 -6.91 28.71
C ILE B 98 1.34 -5.85 29.79
N ASN B 99 0.87 -6.26 30.98
CA ASN B 99 0.65 -5.31 32.07
C ASN B 99 1.94 -4.67 32.56
N ALA B 100 3.00 -5.47 32.65
CA ALA B 100 4.29 -4.98 33.12
C ALA B 100 4.92 -4.00 32.15
N SER B 101 4.63 -4.18 30.85
CA SER B 101 5.27 -3.35 29.82
C SER B 101 4.47 -2.10 29.46
N PHE B 102 3.14 -2.19 29.49
CA PHE B 102 2.26 -1.11 29.05
C PHE B 102 1.42 -0.51 30.18
N GLY B 103 1.49 -1.10 31.37
CA GLY B 103 0.65 -0.70 32.49
C GLY B 103 -0.65 -1.50 32.57
N SER B 104 -1.33 -1.64 31.43
CA SER B 104 -2.59 -2.37 31.37
C SER B 104 -2.86 -2.87 29.97
N PHE B 105 -3.80 -3.81 29.84
CA PHE B 105 -4.23 -4.24 28.52
C PHE B 105 -4.85 -3.08 27.73
N ALA B 106 -5.66 -2.25 28.39
CA ALA B 106 -6.32 -1.12 27.72
C ALA B 106 -5.31 -0.17 27.09
N LYS B 107 -4.23 0.12 27.80
CA LYS B 107 -3.21 1.01 27.29
C LYS B 107 -2.47 0.39 26.09
N PHE B 108 -2.18 -0.91 26.17
CA PHE B 108 -1.55 -1.64 25.08
C PHE B 108 -2.45 -1.62 23.84
N LYS B 109 -3.73 -1.94 24.05
CA LYS B 109 -4.72 -1.99 22.97
C LYS B 109 -4.86 -0.65 22.26
N GLU B 110 -4.84 0.43 23.02
CA GLU B 110 -4.98 1.77 22.46
C GLU B 110 -3.74 2.09 21.61
N GLU B 111 -2.55 1.75 22.10
CA GLU B 111 -1.30 2.04 21.37
C GLU B 111 -1.20 1.25 20.07
N PHE B 112 -1.49 -0.04 20.13
CA PHE B 112 -1.43 -0.92 18.97
C PHE B 112 -2.48 -0.50 17.93
N THR B 113 -3.69 -0.21 18.40
CA THR B 113 -4.79 0.22 17.53
C THR B 113 -4.39 1.47 16.74
N ASN B 114 -3.90 2.48 17.45
CA ASN B 114 -3.55 3.74 16.82
C ASN B 114 -2.37 3.59 15.84
N VAL B 115 -1.42 2.73 16.14
CA VAL B 115 -0.31 2.47 15.21
C VAL B 115 -0.85 1.75 13.95
N ALA B 116 -1.70 0.75 14.16
CA ALA B 116 -2.23 -0.05 13.06
C ALA B 116 -3.13 0.78 12.14
N VAL B 117 -4.01 1.60 12.73
CA VAL B 117 -4.96 2.41 11.97
C VAL B 117 -4.28 3.57 11.28
N GLY B 118 -3.26 4.13 11.95
CA GLY B 118 -2.55 5.30 11.48
C GLY B 118 -1.40 5.05 10.53
N HIS B 119 -0.97 3.80 10.37
CA HIS B 119 0.15 3.53 9.45
C HIS B 119 -0.15 4.00 8.02
N PHE B 120 0.68 4.89 7.49
CA PHE B 120 0.47 5.41 6.16
C PHE B 120 1.10 4.50 5.12
N GLY B 121 0.34 4.18 4.09
CA GLY B 121 0.79 3.26 3.06
C GLY B 121 0.69 1.81 3.52
N SER B 122 1.45 0.95 2.84
CA SER B 122 1.45 -0.48 3.09
C SER B 122 2.36 -0.77 4.26
N GLY B 123 1.97 -1.70 5.13
CA GLY B 123 2.77 -2.01 6.31
C GLY B 123 2.16 -3.04 7.25
N TRP B 124 2.75 -3.13 8.43
CA TRP B 124 2.41 -4.14 9.43
C TRP B 124 2.51 -3.54 10.83
N ALA B 125 1.54 -3.85 11.68
CA ALA B 125 1.60 -3.49 13.09
C ALA B 125 2.02 -4.75 13.89
N TRP B 126 2.93 -4.59 14.82
CA TRP B 126 3.48 -5.72 15.58
C TRP B 126 3.50 -5.47 17.08
N LEU B 127 3.39 -6.57 17.83
CA LEU B 127 3.85 -6.63 19.20
C LEU B 127 5.12 -7.43 19.16
N VAL B 128 6.19 -6.88 19.72
CA VAL B 128 7.48 -7.55 19.77
C VAL B 128 8.04 -7.56 21.20
N LYS B 129 9.02 -8.43 21.43
CA LYS B 129 9.72 -8.46 22.69
C LYS B 129 11.17 -8.06 22.43
N ASP B 130 11.66 -7.09 23.18
CA ASP B 130 13.07 -6.72 23.19
C ASP B 130 13.76 -7.77 24.05
N THR B 131 14.63 -8.58 23.46
CA THR B 131 15.23 -9.71 24.19
C THR B 131 16.40 -9.32 25.12
N ASN B 132 16.86 -8.07 25.04
CA ASN B 132 17.81 -7.54 26.01
C ASN B 132 17.15 -7.27 27.36
N SER B 133 15.99 -6.62 27.34
CA SER B 133 15.29 -6.17 28.56
C SER B 133 14.09 -7.04 28.95
N GLY B 134 13.63 -7.86 28.01
CA GLY B 134 12.37 -8.57 28.15
C GLY B 134 11.12 -7.72 27.96
N LYS B 135 11.27 -6.42 27.71
CA LYS B 135 10.12 -5.52 27.61
C LYS B 135 9.40 -5.64 26.26
N LEU B 136 8.08 -5.63 26.31
CA LEU B 136 7.26 -5.68 25.10
C LEU B 136 7.03 -4.27 24.56
N LYS B 137 6.95 -4.17 23.23
CA LYS B 137 6.79 -2.90 22.54
C LYS B 137 5.84 -3.05 21.35
N VAL B 138 5.08 -2.01 21.05
CA VAL B 138 4.38 -1.90 19.79
C VAL B 138 5.39 -1.39 18.77
N TYR B 139 5.40 -2.02 17.60
CA TYR B 139 6.42 -1.80 16.58
C TYR B 139 5.74 -1.88 15.21
N GLN B 140 6.00 -0.92 14.32
CA GLN B 140 5.46 -0.99 12.99
C GLN B 140 6.56 -1.19 11.96
N THR B 141 6.24 -1.91 10.89
CA THR B 141 7.07 -1.93 9.71
C THR B 141 6.30 -1.47 8.49
N HIS B 142 7.07 -1.03 7.50
CA HIS B 142 6.54 -0.51 6.26
C HIS B 142 6.85 -1.49 5.14
N ASP B 143 5.93 -1.59 4.19
CA ASP B 143 6.05 -2.52 3.08
C ASP B 143 6.32 -3.96 3.56
N ALA B 144 7.49 -4.51 3.28
CA ALA B 144 7.85 -5.88 3.68
C ALA B 144 8.72 -5.94 4.93
N GLY B 145 9.01 -4.78 5.52
CA GLY B 145 9.82 -4.71 6.72
C GLY B 145 9.42 -5.77 7.73
N CYS B 146 10.44 -6.38 8.36
CA CYS B 146 10.28 -7.51 9.26
C CYS B 146 11.14 -7.31 10.51
N PRO B 147 10.58 -7.51 11.71
CA PRO B 147 11.35 -7.35 12.95
C PRO B 147 12.63 -8.20 13.01
N LEU B 148 12.69 -9.31 12.28
CA LEU B 148 13.89 -10.16 12.28
C LEU B 148 15.17 -9.49 11.76
N THR B 149 15.05 -8.36 11.05
CA THR B 149 16.24 -7.60 10.62
C THR B 149 16.85 -6.73 11.71
N GLU B 150 16.11 -6.53 12.80
CA GLU B 150 16.60 -5.72 13.91
C GLU B 150 17.21 -6.62 14.99
N PRO B 151 18.23 -6.12 15.68
CA PRO B 151 18.88 -6.91 16.72
C PRO B 151 17.97 -7.04 17.94
N ASN B 152 17.97 -8.23 18.53
CA ASN B 152 17.38 -8.44 19.84
C ASN B 152 15.87 -8.16 19.84
N LEU B 153 15.18 -8.59 18.79
CA LEU B 153 13.74 -8.34 18.62
C LEU B 153 13.00 -9.59 18.17
N LYS B 154 12.07 -10.06 19.00
CA LYS B 154 11.31 -11.27 18.74
C LYS B 154 9.87 -10.87 18.46
N PRO B 155 9.32 -11.28 17.32
CA PRO B 155 7.92 -11.00 17.02
C PRO B 155 6.96 -11.88 17.85
N LEU B 156 5.88 -11.27 18.32
CA LEU B 156 4.87 -11.96 19.12
C LEU B 156 3.51 -12.00 18.42
N LEU B 157 3.19 -10.96 17.67
CA LEU B 157 1.88 -10.80 17.05
C LEU B 157 2.00 -9.82 15.88
N THR B 158 1.23 -10.03 14.81
CA THR B 158 1.17 -9.02 13.75
C THR B 158 -0.22 -8.89 13.14
N CYS B 159 -0.52 -7.68 12.70
CA CYS B 159 -1.72 -7.41 11.91
C CYS B 159 -1.26 -6.76 10.61
N ASP B 160 -1.60 -7.39 9.49
CA ASP B 160 -1.29 -6.89 8.14
C ASP B 160 -2.18 -5.69 7.88
N VAL B 161 -1.59 -4.53 7.54
CA VAL B 161 -2.38 -3.34 7.20
C VAL B 161 -2.20 -2.86 5.74
N TRP B 162 -1.56 -3.69 4.90
CA TRP B 162 -1.68 -3.53 3.46
C TRP B 162 -3.17 -3.51 3.12
N GLU B 163 -3.54 -2.71 2.14
CA GLU B 163 -4.95 -2.56 1.79
C GLU B 163 -5.61 -3.86 1.30
N HIS B 164 -4.85 -4.74 0.66
CA HIS B 164 -5.41 -6.01 0.20
C HIS B 164 -5.86 -6.91 1.37
N ALA B 165 -5.35 -6.66 2.57
CA ALA B 165 -5.73 -7.48 3.74
C ALA B 165 -7.19 -7.28 4.18
N TYR B 166 -7.74 -6.11 3.86
CA TYR B 166 -9.06 -5.73 4.35
C TYR B 166 -10.02 -5.11 3.33
N TYR B 167 -9.55 -4.84 2.12
CA TYR B 167 -10.35 -4.05 1.17
C TYR B 167 -11.60 -4.79 0.68
N VAL B 168 -11.56 -6.13 0.60
CA VAL B 168 -12.76 -6.87 0.16
C VAL B 168 -13.92 -6.72 1.14
N ASP B 169 -13.64 -6.90 2.44
CA ASP B 169 -14.66 -6.86 3.48
C ASP B 169 -14.95 -5.47 4.06
N TYR B 170 -13.93 -4.60 4.10
CA TYR B 170 -14.00 -3.32 4.79
C TYR B 170 -13.81 -2.09 3.90
N LYS B 171 -13.38 -2.30 2.67
CA LYS B 171 -13.02 -1.22 1.76
C LYS B 171 -12.04 -0.25 2.49
N ASN B 172 -12.37 1.04 2.53
CA ASN B 172 -11.51 2.07 3.13
C ASN B 172 -11.48 2.08 4.66
N ASP B 173 -12.36 1.30 5.28
CA ASP B 173 -12.55 1.36 6.74
C ASP B 173 -11.56 0.47 7.44
N ARG B 174 -10.32 0.92 7.55
CA ARG B 174 -9.29 0.13 8.22
C ARG B 174 -9.57 0.03 9.71
N ALA B 175 -10.15 1.07 10.29
CA ALA B 175 -10.52 1.07 11.70
C ALA B 175 -11.45 -0.10 12.02
N ALA B 176 -12.47 -0.31 11.19
CA ALA B 176 -13.38 -1.43 11.40
C ALA B 176 -12.66 -2.77 11.28
N TYR B 177 -11.73 -2.87 10.35
CA TYR B 177 -10.95 -4.10 10.16
C TYR B 177 -10.09 -4.41 11.40
N VAL B 178 -9.47 -3.39 11.99
CA VAL B 178 -8.64 -3.59 13.16
C VAL B 178 -9.49 -4.01 14.37
N GLN B 179 -10.71 -3.50 14.48
CA GLN B 179 -11.63 -3.95 15.53
C GLN B 179 -11.92 -5.45 15.36
N THR B 180 -12.06 -5.88 14.11
CA THR B 180 -12.21 -7.30 13.80
C THR B 180 -10.96 -8.11 14.19
N PHE B 181 -9.77 -7.59 13.89
CA PHE B 181 -8.53 -8.23 14.32
C PHE B 181 -8.57 -8.52 15.83
N TRP B 182 -8.98 -7.53 16.63
CA TRP B 182 -9.06 -7.72 18.08
C TRP B 182 -9.96 -8.89 18.50
N ASN B 183 -11.01 -9.16 17.72
CA ASN B 183 -11.93 -10.26 18.00
C ASN B 183 -11.38 -11.63 17.61
N VAL B 184 -10.26 -11.67 16.88
CA VAL B 184 -9.65 -12.96 16.49
C VAL B 184 -8.20 -13.15 16.94
N VAL B 185 -7.66 -12.23 17.76
CA VAL B 185 -6.26 -12.34 18.16
C VAL B 185 -6.02 -13.69 18.85
N ASN B 186 -4.95 -14.37 18.45
CA ASN B 186 -4.63 -15.70 18.98
C ASN B 186 -3.63 -15.57 20.11
N TRP B 187 -4.15 -15.40 21.32
CA TRP B 187 -3.29 -15.25 22.49
C TRP B 187 -2.51 -16.52 22.81
N LYS B 188 -3.01 -17.68 22.40
CA LYS B 188 -2.26 -18.94 22.55
C LYS B 188 -0.96 -18.91 21.77
N ASN B 189 -1.00 -18.33 20.57
CA ASN B 189 0.21 -18.22 19.75
C ASN B 189 1.18 -17.22 20.37
N VAL B 190 0.65 -16.11 20.87
CA VAL B 190 1.48 -15.11 21.52
C VAL B 190 2.21 -15.75 22.72
N GLU B 191 1.48 -16.56 23.47
CA GLU B 191 2.06 -17.30 24.60
C GLU B 191 3.22 -18.21 24.16
N ARG B 192 3.05 -18.93 23.05
CA ARG B 192 4.11 -19.76 22.47
C ARG B 192 5.33 -18.97 22.00
N GLN B 193 5.15 -17.69 21.65
CA GLN B 193 6.25 -16.82 21.18
C GLN B 193 6.98 -16.08 22.31
N LEU B 194 6.43 -16.11 23.52
CA LEU B 194 7.06 -15.37 24.63
C LEU B 194 8.47 -15.86 24.88
FE FE2 C . -5.57 6.55 -4.56
MG MG D . -4.59 21.34 -11.40
FE FE2 E . -0.98 -9.17 2.99
#